data_9PSV
#
_entry.id   9PSV
#
_cell.length_a   29.259
_cell.length_b   66.723
_cell.length_c   63.954
_cell.angle_alpha   90.000
_cell.angle_beta   90.783
_cell.angle_gamma   90.000
#
_symmetry.space_group_name_H-M   'P 1 21 1'
#
loop_
_entity.id
_entity.type
_entity.pdbx_description
1 polymer 'Retinol-binding protein 2'
2 non-polymer (2E)-3-[5-(dimethylamino)thiophen-2-yl]but-2-enal
3 non-polymer 'ACETATE ION'
4 water water
#
_entity_poly.entity_id   1
_entity_poly.type   'polypeptide(L)'
_entity_poly.pdbx_seq_one_letter_code
;TRDQNGTWEMESNENFEGWMKALDIDFATRKIAVRLTQTLVIDQDGDNFKVKSTSTFWNYDVDFTVGVEFDEYTKSLDNR
HVKALVTWEGDVLVCVQKGEKENRGWKKWIEGDKLYEELTCGDQVCRQVFKKK
;
_entity_poly.pdbx_strand_id   A,B
#
loop_
_chem_comp.id
_chem_comp.type
_chem_comp.name
_chem_comp.formula
A1CKU non-polymer (2E)-3-[5-(dimethylamino)thiophen-2-yl]but-2-enal 'C10 H13 N O S'
ACT non-polymer 'ACETATE ION' 'C2 H3 O2 -1'
#
# COMPACT_ATOMS: atom_id res chain seq x y z
N THR A 1 -3.68 9.85 24.31
CA THR A 1 -3.12 10.49 23.14
C THR A 1 -4.26 10.77 22.10
N ARG A 2 -4.81 11.96 22.13
CA ARG A 2 -5.90 12.36 21.24
C ARG A 2 -5.54 13.20 20.02
N ASP A 3 -4.29 13.58 19.91
CA ASP A 3 -3.86 14.42 18.80
C ASP A 3 -3.69 13.56 17.55
N GLN A 4 -4.68 13.58 16.65
CA GLN A 4 -4.60 12.89 15.39
C GLN A 4 -4.22 13.79 14.22
N ASN A 5 -3.81 15.04 14.51
CA ASN A 5 -3.38 15.97 13.46
C ASN A 5 -2.25 15.38 12.64
N GLY A 6 -2.33 15.58 11.33
CA GLY A 6 -1.20 15.28 10.49
C GLY A 6 -1.53 14.72 9.13
N THR A 7 -0.48 14.54 8.33
CA THR A 7 -0.58 13.78 7.10
C THR A 7 -0.08 12.38 7.43
N TRP A 8 -0.92 11.39 7.19
CA TRP A 8 -0.68 10.01 7.57
C TRP A 8 -0.57 9.18 6.31
N GLU A 9 0.51 8.42 6.20
CA GLU A 9 0.79 7.63 5.01
C GLU A 9 0.64 6.15 5.35
N MET A 10 -0.14 5.45 4.56
CA MET A 10 -0.42 4.05 4.83
C MET A 10 0.81 3.15 4.87
N GLU A 11 0.87 2.29 5.88
CA GLU A 11 1.93 1.33 6.01
C GLU A 11 1.37 -0.08 5.84
N SER A 12 0.15 -0.29 6.33
CA SER A 12 -0.50 -1.60 6.28
C SER A 12 -2.01 -1.51 6.02
N ASN A 13 -2.55 -2.46 5.27
CA ASN A 13 -3.97 -2.51 4.93
C ASN A 13 -4.44 -3.97 4.96
N GLU A 14 -5.40 -4.29 5.81
CA GLU A 14 -5.92 -5.64 5.94
C GLU A 14 -7.43 -5.69 5.74
N ASN A 15 -7.87 -6.59 4.88
CA ASN A 15 -9.28 -6.80 4.55
C ASN A 15 -10.02 -5.59 4.02
N PHE A 16 -9.34 -4.75 3.26
CA PHE A 16 -9.99 -3.61 2.66
C PHE A 16 -11.04 -4.11 1.67
N GLU A 17 -10.74 -5.21 0.97
CA GLU A 17 -11.71 -5.73 0.00
C GLU A 17 -12.98 -6.22 0.70
N GLY A 18 -12.84 -6.86 1.86
CA GLY A 18 -14.03 -7.33 2.55
C GLY A 18 -14.93 -6.20 2.97
N TRP A 19 -14.33 -5.11 3.46
CA TRP A 19 -15.10 -3.93 3.83
C TRP A 19 -15.80 -3.34 2.60
N MET A 20 -15.10 -3.26 1.46
CA MET A 20 -15.75 -2.72 0.26
C MET A 20 -16.88 -3.62 -0.22
N LYS A 21 -16.71 -4.93 -0.11
CA LYS A 21 -17.75 -5.87 -0.52
C LYS A 21 -18.99 -5.70 0.35
N ALA A 22 -18.76 -5.44 1.63
CA ALA A 22 -19.87 -5.25 2.58
C ALA A 22 -20.67 -4.01 2.22
N LEU A 23 -20.01 -3.02 1.63
CA LEU A 23 -20.71 -1.83 1.16
C LEU A 23 -21.33 -1.99 -0.22
N ASP A 24 -21.12 -3.14 -0.86
CA ASP A 24 -21.67 -3.44 -2.18
C ASP A 24 -20.99 -2.64 -3.29
N ILE A 25 -19.75 -2.22 -3.05
CA ILE A 25 -18.99 -1.58 -4.10
C ILE A 25 -18.77 -2.58 -5.25
N ASP A 26 -18.92 -2.10 -6.48
CA ASP A 26 -18.93 -2.99 -7.63
C ASP A 26 -17.55 -3.59 -7.88
N PHE A 27 -17.55 -4.71 -8.62
CA PHE A 27 -16.34 -5.49 -8.84
C PHE A 27 -15.19 -4.64 -9.40
N ALA A 28 -15.45 -3.87 -10.46
CA ALA A 28 -14.35 -3.15 -11.09
C ALA A 28 -13.71 -2.17 -10.12
N THR A 29 -14.53 -1.46 -9.34
CA THR A 29 -13.99 -0.50 -8.40
C THR A 29 -13.17 -1.19 -7.32
N ARG A 30 -13.67 -2.30 -6.78
CA ARG A 30 -12.93 -3.02 -5.74
C ARG A 30 -11.59 -3.52 -6.25
N LYS A 31 -11.57 -4.11 -7.45
CA LYS A 31 -10.32 -4.73 -7.89
C LYS A 31 -9.24 -3.68 -8.08
N ILE A 32 -9.65 -2.48 -8.46
CA ILE A 32 -8.68 -1.42 -8.61
C ILE A 32 -8.32 -0.82 -7.24
N ALA A 33 -9.33 -0.56 -6.43
CA ALA A 33 -9.11 0.13 -5.17
C ALA A 33 -8.29 -0.71 -4.19
N VAL A 34 -8.42 -2.04 -4.23
CA VAL A 34 -7.70 -2.86 -3.26
C VAL A 34 -6.19 -2.78 -3.47
N ARG A 35 -5.74 -2.35 -4.64
CA ARG A 35 -4.31 -2.29 -4.91
C ARG A 35 -3.62 -1.09 -4.30
N LEU A 36 -4.39 -0.09 -3.86
CA LEU A 36 -3.87 1.26 -3.75
C LEU A 36 -3.41 1.62 -2.35
N THR A 37 -2.33 2.37 -2.29
CA THR A 37 -1.88 2.98 -1.05
C THR A 37 -2.76 4.19 -0.73
N GLN A 38 -3.06 4.37 0.55
CA GLN A 38 -3.94 5.44 0.99
C GLN A 38 -3.18 6.49 1.80
N THR A 39 -3.70 7.71 1.78
CA THR A 39 -3.22 8.79 2.62
C THR A 39 -4.40 9.35 3.39
N LEU A 40 -4.14 9.73 4.64
CA LEU A 40 -5.15 10.32 5.50
CA LEU A 40 -5.15 10.32 5.50
C LEU A 40 -4.61 11.66 6.00
N VAL A 41 -5.31 12.75 5.69
CA VAL A 41 -4.94 14.07 6.17
C VAL A 41 -6.01 14.51 7.18
N ILE A 42 -5.58 14.79 8.41
CA ILE A 42 -6.48 15.13 9.51
C ILE A 42 -6.10 16.52 10.03
N ASP A 43 -7.10 17.40 10.09
CA ASP A 43 -6.97 18.75 10.67
C ASP A 43 -7.90 18.69 11.88
N GLN A 44 -7.35 18.93 13.06
CA GLN A 44 -8.09 18.77 14.32
C GLN A 44 -7.84 19.98 15.21
N ASP A 45 -8.91 20.65 15.61
CA ASP A 45 -8.84 21.81 16.49
C ASP A 45 -10.01 21.69 17.45
N GLY A 46 -9.72 21.31 18.68
CA GLY A 46 -10.77 21.12 19.67
C GLY A 46 -11.65 19.99 19.19
N ASP A 47 -12.94 20.26 19.05
CA ASP A 47 -13.86 19.27 18.56
C ASP A 47 -14.00 19.24 17.07
N ASN A 48 -13.45 20.22 16.40
CA ASN A 48 -13.57 20.31 14.95
C ASN A 48 -12.55 19.53 14.14
N PHE A 49 -13.05 18.61 13.32
CA PHE A 49 -12.20 17.80 12.46
C PHE A 49 -12.49 18.00 10.99
N LYS A 50 -11.44 17.92 10.19
CA LYS A 50 -11.52 17.96 8.73
C LYS A 50 -10.66 16.75 8.33
N VAL A 51 -11.26 15.74 7.70
CA VAL A 51 -10.59 14.49 7.37
C VAL A 51 -10.63 14.29 5.86
N LYS A 52 -9.49 13.92 5.28
CA LYS A 52 -9.40 13.65 3.85
C LYS A 52 -8.74 12.30 3.65
N SER A 53 -9.45 11.39 2.99
CA SER A 53 -8.92 10.08 2.62
C SER A 53 -8.66 10.09 1.13
N THR A 54 -7.42 9.82 0.72
CA THR A 54 -7.07 9.92 -0.68
C THR A 54 -6.30 8.68 -1.14
N SER A 55 -6.45 8.39 -2.42
CA SER A 55 -5.58 7.50 -3.17
C SER A 55 -5.46 8.08 -4.57
N THR A 56 -4.81 7.35 -5.47
CA THR A 56 -4.82 7.83 -6.85
C THR A 56 -6.20 7.72 -7.47
N PHE A 57 -7.13 7.02 -6.80
CA PHE A 57 -8.43 6.69 -7.35
C PHE A 57 -9.59 7.37 -6.64
N TRP A 58 -9.40 7.89 -5.43
CA TRP A 58 -10.51 8.53 -4.73
C TRP A 58 -10.03 9.67 -3.85
N ASN A 59 -11.00 10.51 -3.46
CA ASN A 59 -10.79 11.62 -2.55
C ASN A 59 -12.08 11.75 -1.77
N TYR A 60 -12.06 11.30 -0.52
CA TYR A 60 -13.24 11.27 0.32
C TYR A 60 -12.99 12.19 1.50
N ASP A 61 -13.72 13.30 1.55
CA ASP A 61 -13.51 14.33 2.56
C ASP A 61 -14.76 14.45 3.42
N VAL A 62 -14.55 14.60 4.72
CA VAL A 62 -15.65 14.80 5.66
C VAL A 62 -15.20 15.76 6.75
N ASP A 63 -16.09 16.68 7.12
CA ASP A 63 -15.87 17.60 8.23
C ASP A 63 -16.91 17.31 9.29
N PHE A 64 -16.51 17.37 10.55
CA PHE A 64 -17.47 17.08 11.62
C PHE A 64 -17.00 17.69 12.93
N THR A 65 -17.94 17.77 13.86
CA THR A 65 -17.68 18.21 15.22
C THR A 65 -17.92 17.03 16.15
N VAL A 66 -16.91 16.67 16.95
CA VAL A 66 -17.09 15.61 17.92
C VAL A 66 -18.30 15.92 18.79
N GLY A 67 -19.18 14.93 18.96
CA GLY A 67 -20.33 15.07 19.83
C GLY A 67 -21.56 15.67 19.16
N VAL A 68 -21.52 15.96 17.87
CA VAL A 68 -22.63 16.60 17.17
C VAL A 68 -23.05 15.69 16.03
N GLU A 69 -24.28 15.19 16.10
CA GLU A 69 -24.79 14.34 15.03
C GLU A 69 -24.86 15.12 13.70
N PHE A 70 -24.55 14.43 12.60
CA PHE A 70 -24.71 15.06 11.29
C PHE A 70 -25.26 14.07 10.28
N ASP A 71 -26.16 14.54 9.44
CA ASP A 71 -26.68 13.76 8.36
C ASP A 71 -25.61 13.81 7.27
N GLU A 72 -25.39 12.73 6.60
CA GLU A 72 -24.29 12.58 5.68
C GLU A 72 -24.71 11.77 4.46
N TYR A 73 -24.31 12.21 3.27
CA TYR A 73 -24.35 11.40 2.06
C TYR A 73 -22.93 10.90 1.82
N THR A 74 -22.80 9.59 1.61
CA THR A 74 -21.46 9.02 1.49
C THR A 74 -20.90 9.13 0.07
N LYS A 75 -21.59 9.86 -0.81
CA LYS A 75 -21.01 10.42 -2.04
C LYS A 75 -20.39 9.30 -2.88
N SER A 76 -19.13 9.42 -3.30
CA SER A 76 -18.60 8.48 -4.29
C SER A 76 -18.28 7.12 -3.71
N LEU A 77 -18.29 6.96 -2.39
CA LEU A 77 -18.03 5.65 -1.80
C LEU A 77 -19.15 4.69 -2.14
N ASP A 78 -20.34 4.87 -1.55
CA ASP A 78 -21.46 4.00 -1.84
C ASP A 78 -22.79 4.74 -1.95
N ASN A 79 -22.80 6.08 -2.02
CA ASN A 79 -23.99 6.86 -2.37
C ASN A 79 -25.19 6.52 -1.47
N ARG A 80 -24.95 6.48 -0.17
CA ARG A 80 -26.02 6.21 0.80
C ARG A 80 -26.14 7.36 1.78
N HIS A 81 -27.34 7.51 2.34
CA HIS A 81 -27.58 8.49 3.39
C HIS A 81 -27.44 7.81 4.74
N VAL A 82 -26.66 8.42 5.65
CA VAL A 82 -26.51 7.91 6.99
C VAL A 82 -26.62 9.07 7.99
N LYS A 83 -26.87 8.73 9.23
CA LYS A 83 -26.82 9.68 10.34
C LYS A 83 -25.53 9.33 11.08
N ALA A 84 -24.61 10.27 11.13
CA ALA A 84 -23.28 10.02 11.63
C ALA A 84 -23.02 10.73 12.95
N LEU A 85 -22.20 10.10 13.78
CA LEU A 85 -21.82 10.70 15.05
C LEU A 85 -20.42 10.24 15.38
N VAL A 86 -19.54 11.18 15.73
CA VAL A 86 -18.18 10.87 16.12
C VAL A 86 -17.99 11.29 17.57
N THR A 87 -17.47 10.37 18.38
CA THR A 87 -17.26 10.63 19.81
C THR A 87 -15.97 9.97 20.28
N TRP A 88 -15.59 10.28 21.51
CA TRP A 88 -14.39 9.73 22.12
C TRP A 88 -14.73 8.62 23.12
N GLU A 89 -14.02 7.52 23.01
CA GLU A 89 -14.13 6.42 23.96
C GLU A 89 -12.68 6.34 24.42
N GLY A 90 -12.36 7.08 25.48
CA GLY A 90 -10.99 7.17 25.95
C GLY A 90 -10.25 7.97 24.88
N ASP A 91 -9.16 7.41 24.34
CA ASP A 91 -8.45 8.09 23.28
C ASP A 91 -8.70 7.46 21.89
N VAL A 92 -9.77 6.69 21.79
CA VAL A 92 -10.22 6.13 20.52
C VAL A 92 -11.32 7.02 19.97
N LEU A 93 -11.14 7.49 18.74
CA LEU A 93 -12.15 8.31 18.09
C LEU A 93 -13.06 7.30 17.40
N VAL A 94 -14.34 7.34 17.75
CA VAL A 94 -15.30 6.39 17.24
C VAL A 94 -16.45 6.99 16.44
N CYS A 95 -16.64 6.51 15.22
CA CYS A 95 -17.73 6.99 14.39
C CYS A 95 -18.75 5.89 14.15
N VAL A 96 -20.01 6.23 14.35
CA VAL A 96 -21.11 5.32 14.09
C VAL A 96 -21.96 5.98 13.01
N GLN A 97 -22.23 5.25 11.94
CA GLN A 97 -23.05 5.75 10.86
C GLN A 97 -24.32 4.92 10.80
N LYS A 98 -25.41 5.47 11.31
CA LYS A 98 -26.69 4.77 11.36
C LYS A 98 -27.37 4.81 10.00
N GLY A 99 -27.85 3.67 9.55
CA GLY A 99 -28.50 3.61 8.25
C GLY A 99 -28.75 2.18 7.83
N GLU A 100 -28.70 1.94 6.53
CA GLU A 100 -29.08 0.65 5.98
C GLU A 100 -28.14 -0.47 6.45
N LYS A 101 -26.85 -0.17 6.54
CA LYS A 101 -25.84 -1.15 6.92
C LYS A 101 -25.69 -1.22 8.43
N GLU A 102 -25.52 -2.44 8.95
CA GLU A 102 -25.27 -2.64 10.37
C GLU A 102 -23.79 -2.47 10.68
N ASN A 103 -23.49 -2.11 11.93
CA ASN A 103 -22.12 -2.00 12.45
C ASN A 103 -21.24 -1.15 11.54
N ARG A 104 -21.80 -0.08 10.99
CA ARG A 104 -21.08 0.75 10.02
C ARG A 104 -20.40 1.89 10.74
N GLY A 105 -19.11 2.06 10.49
CA GLY A 105 -18.41 3.21 11.02
C GLY A 105 -16.91 2.96 11.01
N TRP A 106 -16.22 3.62 11.93
CA TRP A 106 -14.78 3.44 12.02
C TRP A 106 -14.30 3.81 13.41
N LYS A 107 -13.05 3.46 13.69
CA LYS A 107 -12.36 3.82 14.92
C LYS A 107 -10.95 4.22 14.54
N LYS A 108 -10.44 5.27 15.17
CA LYS A 108 -9.06 5.71 14.96
C LYS A 108 -8.41 5.93 16.32
N TRP A 109 -7.13 5.55 16.43
CA TRP A 109 -6.35 5.86 17.62
C TRP A 109 -4.88 5.96 17.27
N ILE A 110 -4.10 6.57 18.16
CA ILE A 110 -2.68 6.80 17.96
C ILE A 110 -1.87 5.86 18.85
N GLU A 111 -0.80 5.31 18.29
CA GLU A 111 0.24 4.60 19.06
C GLU A 111 1.57 5.15 18.56
N GLY A 112 2.27 5.88 19.42
CA GLY A 112 3.56 6.42 18.99
C GLY A 112 3.39 7.42 17.87
N ASP A 113 4.11 7.20 16.76
CA ASP A 113 4.03 8.08 15.62
C ASP A 113 3.15 7.44 14.56
N LYS A 114 2.27 6.56 14.98
CA LYS A 114 1.41 5.86 14.03
C LYS A 114 -0.08 6.00 14.33
N LEU A 115 -0.88 5.93 13.27
CA LEU A 115 -2.31 5.99 13.42
C LEU A 115 -2.93 4.67 12.97
N TYR A 116 -3.73 4.08 13.86
CA TYR A 116 -4.46 2.85 13.63
C TYR A 116 -5.92 3.15 13.35
N GLU A 117 -6.45 2.44 12.37
CA GLU A 117 -7.81 2.66 11.93
C GLU A 117 -8.50 1.32 11.75
N GLU A 118 -9.76 1.25 12.20
CA GLU A 118 -10.66 0.16 11.87
C GLU A 118 -11.81 0.73 11.05
N LEU A 119 -12.12 0.09 9.92
CA LEU A 119 -13.31 0.41 9.15
C LEU A 119 -14.24 -0.79 9.25
N THR A 120 -15.48 -0.55 9.67
CA THR A 120 -16.41 -1.65 9.87
C THR A 120 -17.66 -1.47 9.02
N CYS A 121 -18.18 -2.61 8.56
CA CYS A 121 -19.49 -2.62 7.94
C CYS A 121 -19.97 -4.06 7.92
N GLY A 122 -21.21 -4.29 8.34
CA GLY A 122 -21.69 -5.66 8.42
C GLY A 122 -20.84 -6.45 9.37
N ASP A 123 -20.41 -7.65 8.96
CA ASP A 123 -19.53 -8.48 9.75
C ASP A 123 -18.07 -8.33 9.35
N GLN A 124 -17.76 -7.30 8.57
CA GLN A 124 -16.40 -7.07 8.10
C GLN A 124 -15.65 -5.98 8.82
N VAL A 125 -14.35 -6.19 8.99
CA VAL A 125 -13.48 -5.20 9.62
C VAL A 125 -12.20 -5.06 8.81
N CYS A 126 -11.89 -3.83 8.44
CA CYS A 126 -10.67 -3.53 7.72
C CYS A 126 -9.73 -2.88 8.74
N ARG A 127 -8.50 -3.37 8.83
CA ARG A 127 -7.53 -2.79 9.77
C ARG A 127 -6.42 -2.12 8.99
N GLN A 128 -6.08 -0.90 9.37
CA GLN A 128 -5.08 -0.09 8.67
C GLN A 128 -4.11 0.54 9.67
N VAL A 129 -2.88 0.75 9.20
CA VAL A 129 -1.86 1.46 9.97
C VAL A 129 -1.24 2.51 9.06
N PHE A 130 -1.07 3.72 9.58
CA PHE A 130 -0.44 4.84 8.88
C PHE A 130 0.71 5.38 9.72
N LYS A 131 1.71 5.91 9.05
CA LYS A 131 2.83 6.52 9.74
C LYS A 131 2.71 8.02 9.53
N LYS A 132 3.07 8.78 10.55
CA LYS A 132 3.04 10.23 10.46
C LYS A 132 4.17 10.70 9.56
N LYS A 133 3.85 11.50 8.55
CA LYS A 133 4.87 11.96 7.62
C LYS A 133 5.55 13.23 8.14
N THR B 1 12.87 7.12 -20.85
CA THR B 1 14.03 7.54 -20.05
C THR B 1 14.59 6.36 -19.26
N ARG B 2 15.91 6.35 -19.10
CA ARG B 2 16.57 5.29 -18.38
C ARG B 2 16.90 5.77 -16.98
N ASP B 3 16.64 7.01 -16.66
CA ASP B 3 17.00 7.48 -15.33
C ASP B 3 16.01 7.02 -14.28
N GLN B 4 16.40 6.04 -13.50
CA GLN B 4 15.53 5.52 -12.45
C GLN B 4 15.96 5.96 -11.06
N ASN B 5 16.92 6.88 -10.97
CA ASN B 5 17.33 7.40 -9.68
C ASN B 5 16.15 7.90 -8.87
N GLY B 6 16.17 7.60 -7.58
CA GLY B 6 15.29 8.30 -6.69
C GLY B 6 14.77 7.46 -5.55
N THR B 7 13.97 8.10 -4.70
CA THR B 7 13.19 7.42 -3.68
C THR B 7 11.78 7.28 -4.22
N TRP B 8 11.28 6.04 -4.28
CA TRP B 8 10.04 5.70 -4.94
C TRP B 8 9.08 5.12 -3.92
N GLU B 9 7.90 5.72 -3.78
CA GLU B 9 6.91 5.28 -2.80
C GLU B 9 5.77 4.56 -3.52
N MET B 10 5.40 3.39 -3.02
CA MET B 10 4.42 2.56 -3.70
CA MET B 10 4.42 2.56 -3.70
C MET B 10 3.05 3.24 -3.75
N GLU B 11 2.44 3.21 -4.94
CA GLU B 11 1.07 3.65 -5.12
C GLU B 11 0.11 2.50 -5.38
N SER B 12 0.55 1.46 -6.08
CA SER B 12 -0.32 0.35 -6.41
CA SER B 12 -0.33 0.36 -6.47
C SER B 12 0.47 -0.94 -6.43
N ASN B 13 -0.19 -2.03 -6.06
CA ASN B 13 0.45 -3.33 -5.91
C ASN B 13 -0.56 -4.41 -6.28
N GLU B 14 -0.27 -5.19 -7.32
CA GLU B 14 -1.20 -6.18 -7.82
C GLU B 14 -0.56 -7.56 -7.84
N ASN B 15 -1.23 -8.54 -7.24
CA ASN B 15 -0.80 -9.94 -7.23
C ASN B 15 0.56 -10.14 -6.58
N PHE B 16 0.89 -9.33 -5.56
CA PHE B 16 2.10 -9.59 -4.80
C PHE B 16 2.05 -10.96 -4.13
N GLU B 17 0.86 -11.38 -3.66
CA GLU B 17 0.77 -12.68 -3.01
C GLU B 17 1.04 -13.83 -3.98
N GLY B 18 0.55 -13.72 -5.20
CA GLY B 18 0.81 -14.77 -6.18
C GLY B 18 2.29 -14.95 -6.46
N TRP B 19 3.01 -13.83 -6.61
CA TRP B 19 4.46 -13.90 -6.78
C TRP B 19 5.12 -14.54 -5.57
N MET B 20 4.72 -14.16 -4.35
CA MET B 20 5.30 -14.76 -3.15
C MET B 20 5.03 -16.24 -3.09
N LYS B 21 3.83 -16.66 -3.50
CA LYS B 21 3.51 -18.08 -3.49
C LYS B 21 4.38 -18.84 -4.47
N ALA B 22 4.65 -18.24 -5.64
CA ALA B 22 5.51 -18.89 -6.61
C ALA B 22 6.93 -19.08 -6.06
N LEU B 23 7.37 -18.22 -5.14
CA LEU B 23 8.65 -18.37 -4.48
C LEU B 23 8.59 -19.29 -3.26
N ASP B 24 7.40 -19.79 -2.90
CA ASP B 24 7.21 -20.71 -1.78
C ASP B 24 7.41 -20.03 -0.43
N ILE B 25 7.17 -18.72 -0.37
CA ILE B 25 7.22 -18.03 0.92
C ILE B 25 6.11 -18.55 1.82
N ASP B 26 6.42 -18.72 3.11
CA ASP B 26 5.52 -19.41 4.03
C ASP B 26 4.28 -18.58 4.34
N PHE B 27 3.23 -19.27 4.82
CA PHE B 27 1.93 -18.65 5.05
C PHE B 27 2.03 -17.39 5.91
N ALA B 28 2.67 -17.51 7.08
CA ALA B 28 2.70 -16.38 8.00
C ALA B 28 3.36 -15.16 7.37
N THR B 29 4.50 -15.36 6.71
CA THR B 29 5.20 -14.25 6.08
C THR B 29 4.35 -13.61 4.99
N ARG B 30 3.72 -14.44 4.14
CA ARG B 30 2.88 -13.91 3.07
C ARG B 30 1.73 -13.07 3.62
N LYS B 31 1.06 -13.56 4.68
CA LYS B 31 -0.13 -12.86 5.13
C LYS B 31 0.21 -11.50 5.69
N ILE B 32 1.38 -11.37 6.32
CA ILE B 32 1.82 -10.06 6.77
C ILE B 32 2.31 -9.22 5.59
N ALA B 33 3.21 -9.78 4.77
CA ALA B 33 3.84 -9.00 3.71
C ALA B 33 2.84 -8.46 2.69
N VAL B 34 1.76 -9.19 2.41
CA VAL B 34 0.81 -8.73 1.40
C VAL B 34 0.08 -7.45 1.81
N ARG B 35 0.03 -7.14 3.11
CA ARG B 35 -0.64 -5.93 3.58
C ARG B 35 0.17 -4.65 3.39
N LEU B 36 1.46 -4.74 3.08
CA LEU B 36 2.38 -3.65 3.36
C LEU B 36 2.67 -2.76 2.17
N THR B 37 2.83 -1.47 2.46
CA THR B 37 3.30 -0.50 1.49
C THR B 37 4.81 -0.63 1.33
N GLN B 38 5.29 -0.53 0.09
CA GLN B 38 6.70 -0.73 -0.20
C GLN B 38 7.36 0.57 -0.63
N THR B 39 8.68 0.64 -0.40
CA THR B 39 9.51 1.75 -0.84
C THR B 39 10.68 1.18 -1.62
N LEU B 40 11.09 1.90 -2.64
CA LEU B 40 12.20 1.50 -3.48
C LEU B 40 13.15 2.67 -3.59
N VAL B 41 14.38 2.47 -3.16
CA VAL B 41 15.41 3.51 -3.28
C VAL B 41 16.44 3.02 -4.30
N ILE B 42 16.65 3.82 -5.34
CA ILE B 42 17.53 3.45 -6.45
C ILE B 42 18.60 4.52 -6.58
N ASP B 43 19.84 4.10 -6.54
CA ASP B 43 20.97 4.97 -6.77
C ASP B 43 21.58 4.43 -8.06
N GLN B 44 21.63 5.25 -9.08
CA GLN B 44 22.10 4.87 -10.40
C GLN B 44 23.15 5.84 -10.93
N ASP B 45 24.31 5.28 -11.27
CA ASP B 45 25.41 6.06 -11.82
C ASP B 45 26.00 5.25 -12.95
N GLY B 46 25.62 5.58 -14.18
CA GLY B 46 26.09 4.84 -15.32
C GLY B 46 25.52 3.44 -15.24
N ASP B 47 26.38 2.43 -15.30
CA ASP B 47 25.95 1.05 -15.22
C ASP B 47 25.79 0.59 -13.78
N ASN B 48 26.26 1.39 -12.84
CA ASN B 48 26.23 1.00 -11.43
C ASN B 48 24.97 1.34 -10.68
N PHE B 49 24.32 0.30 -10.18
CA PHE B 49 23.09 0.47 -9.45
C PHE B 49 23.16 -0.06 -8.03
N LYS B 50 22.56 0.69 -7.12
CA LYS B 50 22.30 0.21 -5.77
C LYS B 50 20.80 0.34 -5.52
N VAL B 51 20.14 -0.78 -5.23
CA VAL B 51 18.69 -0.82 -5.11
C VAL B 51 18.33 -1.31 -3.72
N LYS B 52 17.36 -0.63 -3.10
CA LYS B 52 16.87 -1.01 -1.78
C LYS B 52 15.36 -1.14 -1.85
N SER B 53 14.83 -2.30 -1.50
CA SER B 53 13.39 -2.50 -1.40
C SER B 53 13.07 -2.67 0.08
N THR B 54 12.18 -1.82 0.60
CA THR B 54 11.88 -1.78 2.02
CA THR B 54 11.88 -1.78 2.02
C THR B 54 10.38 -1.77 2.25
N SER B 55 10.01 -2.31 3.41
CA SER B 55 8.70 -2.14 4.01
C SER B 55 8.95 -2.11 5.51
N THR B 56 7.88 -2.12 6.31
CA THR B 56 8.10 -2.23 7.74
C THR B 56 8.56 -3.63 8.14
N PHE B 57 8.55 -4.59 7.22
CA PHE B 57 8.81 -5.99 7.49
C PHE B 57 10.08 -6.52 6.84
N TRP B 58 10.64 -5.83 5.84
CA TRP B 58 11.81 -6.36 5.15
C TRP B 58 12.69 -5.23 4.62
N ASN B 59 13.93 -5.59 4.32
CA ASN B 59 14.91 -4.71 3.71
C ASN B 59 15.74 -5.60 2.79
N TYR B 60 15.51 -5.50 1.49
CA TYR B 60 16.18 -6.31 0.50
C TYR B 60 17.01 -5.37 -0.36
N ASP B 61 18.34 -5.51 -0.26
CA ASP B 61 19.27 -4.63 -0.94
C ASP B 61 20.11 -5.43 -1.92
N VAL B 62 20.37 -4.86 -3.08
CA VAL B 62 21.21 -5.52 -4.09
C VAL B 62 21.95 -4.46 -4.88
N ASP B 63 23.21 -4.72 -5.18
CA ASP B 63 24.02 -3.85 -6.00
C ASP B 63 24.43 -4.62 -7.24
N PHE B 64 24.45 -3.95 -8.39
CA PHE B 64 24.83 -4.63 -9.61
C PHE B 64 25.33 -3.62 -10.64
N THR B 65 26.04 -4.15 -11.62
CA THR B 65 26.47 -3.42 -12.80
C THR B 65 25.71 -3.97 -14.00
N VAL B 66 24.98 -3.10 -14.69
CA VAL B 66 24.28 -3.52 -15.90
C VAL B 66 25.26 -4.22 -16.83
N GLY B 67 24.86 -5.38 -17.34
CA GLY B 67 25.65 -6.12 -18.30
C GLY B 67 26.68 -7.06 -17.71
N VAL B 68 26.75 -7.16 -16.39
CA VAL B 68 27.75 -7.98 -15.71
C VAL B 68 27.00 -9.02 -14.87
N GLU B 69 27.15 -10.28 -15.25
CA GLU B 69 26.49 -11.35 -14.50
C GLU B 69 27.01 -11.38 -13.07
N PHE B 70 26.11 -11.67 -12.12
CA PHE B 70 26.56 -11.86 -10.75
C PHE B 70 25.86 -13.04 -10.11
N ASP B 71 26.59 -13.78 -9.30
CA ASP B 71 26.03 -14.84 -8.48
C ASP B 71 25.39 -14.14 -7.30
N GLU B 72 24.27 -14.62 -6.89
CA GLU B 72 23.50 -13.93 -5.87
C GLU B 72 22.80 -14.93 -4.96
N TYR B 73 22.82 -14.65 -3.66
CA TYR B 73 21.98 -15.35 -2.71
C TYR B 73 20.80 -14.44 -2.41
N THR B 74 19.58 -14.98 -2.50
CA THR B 74 18.41 -14.13 -2.33
C THR B 74 18.04 -13.93 -0.86
N LYS B 75 18.84 -14.45 0.05
CA LYS B 75 18.88 -13.95 1.44
C LYS B 75 17.50 -14.11 2.09
N SER B 76 16.95 -13.08 2.73
CA SER B 76 15.76 -13.27 3.54
C SER B 76 14.48 -13.39 2.70
N LEU B 77 14.55 -13.18 1.39
CA LEU B 77 13.38 -13.39 0.56
C LEU B 77 13.04 -14.87 0.53
N ASP B 78 13.86 -15.68 -0.18
CA ASP B 78 13.60 -17.11 -0.27
C ASP B 78 14.87 -17.96 -0.22
N ASN B 79 16.01 -17.39 0.18
CA ASN B 79 17.20 -18.17 0.53
C ASN B 79 17.61 -19.14 -0.58
N ARG B 80 17.65 -18.66 -1.81
CA ARG B 80 18.10 -19.46 -2.94
C ARG B 80 19.30 -18.79 -3.61
N HIS B 81 20.10 -19.60 -4.29
CA HIS B 81 21.20 -19.11 -5.11
C HIS B 81 20.76 -18.99 -6.56
N VAL B 82 20.99 -17.82 -7.16
CA VAL B 82 20.68 -17.59 -8.56
C VAL B 82 21.88 -16.94 -9.23
N LYS B 83 21.90 -16.98 -10.56
CA LYS B 83 22.88 -16.31 -11.39
C LYS B 83 22.03 -15.19 -12.00
N ALA B 84 22.38 -13.95 -11.71
CA ALA B 84 21.55 -12.82 -12.07
C ALA B 84 22.25 -11.95 -13.12
N LEU B 85 21.45 -11.31 -13.95
CA LEU B 85 21.95 -10.44 -14.99
C LEU B 85 20.92 -9.35 -15.24
N VAL B 86 21.34 -8.09 -15.20
CA VAL B 86 20.46 -6.95 -15.46
C VAL B 86 20.94 -6.26 -16.73
N THR B 87 20.01 -6.00 -17.65
CA THR B 87 20.34 -5.41 -18.94
C THR B 87 19.23 -4.45 -19.33
N TRP B 88 19.49 -3.65 -20.35
CA TRP B 88 18.47 -2.77 -20.91
C TRP B 88 17.83 -3.41 -22.13
N GLU B 89 16.51 -3.36 -22.19
CA GLU B 89 15.75 -3.59 -23.42
C GLU B 89 15.06 -2.25 -23.72
N GLY B 90 15.67 -1.45 -24.59
CA GLY B 90 15.19 -0.09 -24.76
C GLY B 90 15.38 0.63 -23.44
N ASP B 91 14.32 1.23 -22.90
CA ASP B 91 14.38 1.88 -21.59
C ASP B 91 13.71 1.06 -20.50
N VAL B 92 13.61 -0.25 -20.72
CA VAL B 92 13.15 -1.19 -19.69
C VAL B 92 14.36 -1.91 -19.12
N LEU B 93 14.52 -1.83 -17.81
CA LEU B 93 15.59 -2.50 -17.09
C LEU B 93 15.10 -3.88 -16.72
N VAL B 94 15.80 -4.90 -17.20
CA VAL B 94 15.34 -6.27 -17.17
C VAL B 94 16.32 -7.09 -16.36
N CYS B 95 15.84 -7.77 -15.34
CA CYS B 95 16.64 -8.71 -14.56
C CYS B 95 16.15 -10.13 -14.82
N VAL B 96 17.07 -11.02 -15.17
CA VAL B 96 16.81 -12.46 -15.21
C VAL B 96 17.66 -13.12 -14.13
N GLN B 97 17.03 -13.94 -13.29
CA GLN B 97 17.69 -14.69 -12.22
C GLN B 97 17.59 -16.17 -12.57
N LYS B 98 18.68 -16.71 -13.09
CA LYS B 98 18.71 -18.11 -13.50
C LYS B 98 18.88 -19.01 -12.29
N GLY B 99 18.03 -20.02 -12.21
CA GLY B 99 18.09 -20.95 -11.10
C GLY B 99 16.94 -21.92 -11.07
N GLU B 100 16.49 -22.25 -9.86
CA GLU B 100 15.49 -23.30 -9.65
C GLU B 100 14.15 -22.90 -10.22
N LYS B 101 13.77 -21.64 -10.08
CA LYS B 101 12.47 -21.14 -10.52
C LYS B 101 12.56 -20.67 -11.96
N GLU B 102 11.52 -20.96 -12.74
CA GLU B 102 11.45 -20.48 -14.11
C GLU B 102 10.92 -19.05 -14.15
N ASN B 103 11.27 -18.33 -15.21
CA ASN B 103 10.72 -17.00 -15.48
C ASN B 103 10.93 -16.06 -14.30
N ARG B 104 12.05 -16.21 -13.61
CA ARG B 104 12.29 -15.45 -12.39
C ARG B 104 13.08 -14.18 -12.69
N GLY B 105 12.54 -13.05 -12.26
CA GLY B 105 13.27 -11.81 -12.41
C GLY B 105 12.34 -10.62 -12.19
N TRP B 106 12.67 -9.52 -12.85
CA TRP B 106 11.83 -8.33 -12.78
C TRP B 106 12.13 -7.41 -13.94
N LYS B 107 11.25 -6.43 -14.12
CA LYS B 107 11.39 -5.37 -15.09
C LYS B 107 11.01 -4.06 -14.42
N LYS B 108 11.72 -3.00 -14.76
CA LYS B 108 11.42 -1.68 -14.24
C LYS B 108 11.51 -0.67 -15.35
N TRP B 109 10.54 0.23 -15.42
CA TRP B 109 10.60 1.32 -16.37
C TRP B 109 9.92 2.57 -15.79
N ILE B 110 10.17 3.71 -16.44
CA ILE B 110 9.68 5.00 -16.01
C ILE B 110 8.57 5.46 -16.95
N GLU B 111 7.53 6.04 -16.39
CA GLU B 111 6.48 6.73 -17.14
C GLU B 111 6.25 8.01 -16.35
N GLY B 112 6.77 9.14 -16.81
CA GLY B 112 6.56 10.37 -16.07
C GLY B 112 7.29 10.48 -14.76
N ASP B 113 6.52 10.70 -13.70
CA ASP B 113 7.09 10.76 -12.39
C ASP B 113 6.77 9.47 -11.65
N LYS B 114 6.56 8.40 -12.39
CA LYS B 114 6.25 7.12 -11.80
C LYS B 114 7.16 6.02 -12.25
N LEU B 115 7.38 5.07 -11.37
CA LEU B 115 8.17 3.91 -11.68
C LEU B 115 7.25 2.69 -11.71
N TYR B 116 7.33 1.92 -12.79
CA TYR B 116 6.57 0.73 -12.93
C TYR B 116 7.48 -0.47 -12.81
N GLU B 117 7.00 -1.49 -12.15
CA GLU B 117 7.75 -2.69 -11.94
C GLU B 117 6.93 -3.95 -12.13
N GLU B 118 7.54 -4.97 -12.72
CA GLU B 118 6.94 -6.27 -12.83
C GLU B 118 7.89 -7.22 -12.07
N LEU B 119 7.33 -8.03 -11.21
CA LEU B 119 8.07 -9.09 -10.54
C LEU B 119 7.52 -10.41 -11.05
N THR B 120 8.39 -11.29 -11.55
CA THR B 120 7.95 -12.53 -12.18
C THR B 120 8.58 -13.74 -11.52
N CYS B 121 7.81 -14.82 -11.47
CA CYS B 121 8.30 -16.10 -10.98
C CYS B 121 7.29 -17.16 -11.37
N GLY B 122 7.75 -18.26 -11.96
CA GLY B 122 6.78 -19.25 -12.40
C GLY B 122 5.82 -18.62 -13.39
N ASP B 123 4.53 -18.92 -13.24
CA ASP B 123 3.50 -18.33 -14.08
C ASP B 123 2.88 -17.09 -13.46
N GLN B 124 3.51 -16.50 -12.46
CA GLN B 124 2.95 -15.37 -11.73
C GLN B 124 3.65 -14.07 -12.10
N VAL B 125 2.86 -13.00 -12.18
CA VAL B 125 3.37 -11.65 -12.42
C VAL B 125 2.77 -10.72 -11.38
N CYS B 126 3.62 -10.04 -10.61
CA CYS B 126 3.22 -8.97 -9.72
C CYS B 126 3.48 -7.63 -10.41
N ARG B 127 2.48 -6.76 -10.44
CA ARG B 127 2.64 -5.46 -11.10
C ARG B 127 2.55 -4.36 -10.04
N GLN B 128 3.51 -3.43 -10.08
CA GLN B 128 3.61 -2.39 -9.06
C GLN B 128 3.81 -1.03 -9.70
N VAL B 129 3.32 0.00 -9.03
CA VAL B 129 3.53 1.38 -9.47
C VAL B 129 4.00 2.19 -8.27
N PHE B 130 5.04 3.00 -8.49
CA PHE B 130 5.61 3.86 -7.47
C PHE B 130 5.61 5.30 -7.95
N LYS B 131 5.46 6.22 -7.01
CA LYS B 131 5.55 7.63 -7.33
C LYS B 131 6.86 8.16 -6.79
N LYS B 132 7.50 9.05 -7.52
CA LYS B 132 8.72 9.68 -7.07
C LYS B 132 8.41 10.66 -5.94
N LYS B 133 9.06 10.48 -4.79
CA LYS B 133 8.75 11.34 -3.65
C LYS B 133 9.54 12.65 -3.68
C10 A1CKU C . -13.39 8.98 7.14
C12 A1CKU C . -10.13 3.86 3.14
C13 A1CKU C . -11.95 4.42 1.49
C01 A1CKU C . -11.88 5.59 3.69
C03 A1CKU C . -12.38 7.10 5.62
C04 A1CKU C . -13.37 7.32 4.60
C05 A1CKU C . -13.06 6.37 3.37
C06 A1CKU C . -12.37 7.85 6.94
C07 A1CKU C . -11.50 7.54 7.90
C08 A1CKU C . -11.52 8.31 9.21
N11 A1CKU C . -11.32 4.62 2.78
S02 A1CKU C . -11.39 6.00 5.14
H103 A1CKU C . -13.84 9.15 6.30
H102 A1CKU C . -12.92 9.77 7.44
H101 A1CKU C . -14.05 8.71 7.80
H122 A1CKU C . -9.54 4.43 3.66
H121 A1CKU C . -9.68 3.57 2.33
H123 A1CKU C . -10.39 3.09 3.66
H132 A1CKU C . -12.90 4.23 1.62
H133 A1CKU C . -11.53 3.65 1.05
H131 A1CKU C . -11.84 5.21 0.95
H041 A1CKU C . -14.08 7.93 4.64
H051 A1CKU C . -13.55 6.32 2.58
H071 A1CKU C . -10.89 6.86 7.76
H081 A1CKU C . -11.66 9.23 9.22
C ACT D . -17.48 9.52 7.52
O ACT D . -16.57 8.66 7.48
OXT ACT D . -18.12 9.85 6.51
CH3 ACT D . -17.83 10.15 8.84
C10 A1CKU E . 15.34 -5.57 -6.83
C12 A1CKU E . 10.37 -8.05 -1.91
C13 A1CKU E . 9.09 -6.46 -3.35
C01 A1CKU E . 11.52 -6.87 -3.79
C03 A1CKU E . 13.16 -6.02 -5.44
C04 A1CKU E . 13.86 -6.91 -4.55
C05 A1CKU E . 12.81 -7.45 -3.49
C06 A1CKU E . 13.85 -5.30 -6.60
C07 A1CKU E . 13.19 -4.46 -7.37
C08 A1CKU E . 13.94 -3.66 -8.43
N11 A1CKU E . 10.34 -7.13 -3.03
S02 A1CKU E . 11.68 -5.95 -5.03
H103 A1CKU E . 15.64 -6.27 -6.23
H102 A1CKU E . 15.47 -5.85 -7.75
H101 A1CKU E . 15.84 -4.76 -6.66
H122 A1CKU E . 11.03 -7.75 -1.27
H121 A1CKU E . 10.63 -8.93 -2.24
H123 A1CKU E . 9.50 -8.10 -1.50
H132 A1CKU E . 9.25 -5.79 -4.04
H133 A1CKU E . 8.73 -6.04 -2.57
H131 A1CKU E . 8.46 -7.11 -3.70
H041 A1CKU E . 14.76 -7.13 -4.57
H051 A1CKU E . 12.99 -8.04 -2.79
H071 A1CKU E . 12.28 -4.36 -7.27
H081 A1CKU E . 14.60 -4.06 -8.95
C ACT F . 17.67 -8.96 -7.32
O ACT F . 16.52 -8.52 -7.41
OXT ACT F . 18.19 -9.65 -6.40
CH3 ACT F . 18.64 -8.63 -8.51
#